data_8T09
#
_entry.id   8T09
#
_cell.length_a   57.530
_cell.length_b   77.922
_cell.length_c   58.711
_cell.angle_alpha   90.000
_cell.angle_beta   91.544
_cell.angle_gamma   90.000
#
_symmetry.space_group_name_H-M   'P 1 21 1'
#
loop_
_entity.id
_entity.type
_entity.pdbx_description
1 polymer 'Krev interaction trapped protein 1'
2 polymer 'Ras-related protein Rap-1b'
3 non-polymer 6-ethynyl-2-hydroxynaphthalene-1-carbaldehyde
4 non-polymer 'MAGNESIUM ION'
5 non-polymer 'PHOSPHOAMINOPHOSPHONIC ACID-GUANYLATE ESTER'
6 water water
#
loop_
_entity_poly.entity_id
_entity_poly.type
_entity_poly.pdbx_seq_one_letter_code
_entity_poly.pdbx_strand_id
1 'polypeptide(L)'
;YEKVRIYRMDGSYRSVELKHGNNTTVQQIMEGMRLSQETQQYFTIWICSENLSLQLKPYHKPLQHVRDWPEILAELTNLD
PQRETPQLFLRRDVRLPLEVEKQIEDPLAILILFDEARYNLLKGFYTAPDAKLITLASLLLQIVYGNYESKKHKQGFLNE
ENLKSIVPVTKLKSKAPHWTNRILHEYKNLSTSEGVSKEMHHLQRMFLQNCWEIPTYGAAFFTGQIFTKASPSNHKVIPV
YVGVNIKGLHLLNMETKALLISLKYGCFMWQLGDTDTCFQIHSMENKMSFIVHTKQAGLVVKLLMKLNGQLMPTERNS
;
A
2 'polypeptide(L)'
;MREYKLVVLGSGGVGKSALTVQFVQGIFVEKYDPTIEDSYRKQVEVDAQQCMLEILDTAGTEQFTAMRDLYMKNGQGFAL
VYSITAQSTFNDLQDLREQILRVKDTDDVPMILVGNKCDLEDERVVGKEQGQNLARQWNNCAFLESSAKSKINVNEIFYD
LVRQINR
;
B
#
# COMPACT_ATOMS: atom_id res chain seq x y z
N GLU A 2 -4.13 23.77 -5.83
CA GLU A 2 -4.90 22.59 -6.23
C GLU A 2 -4.11 21.31 -5.95
N LYS A 3 -4.77 20.30 -5.39
CA LYS A 3 -4.08 19.08 -4.99
C LYS A 3 -5.01 17.88 -5.12
N VAL A 4 -4.41 16.69 -5.11
CA VAL A 4 -5.14 15.43 -5.19
C VAL A 4 -4.41 14.40 -4.34
N ARG A 5 -5.18 13.48 -3.78
CA ARG A 5 -4.62 12.34 -3.05
C ARG A 5 -4.36 11.20 -4.02
N ILE A 6 -3.13 10.69 -4.03
CA ILE A 6 -2.74 9.52 -4.80
C ILE A 6 -2.58 8.36 -3.83
N TYR A 7 -3.48 7.38 -3.92
CA TYR A 7 -3.54 6.31 -2.94
C TYR A 7 -2.65 5.13 -3.34
N ARG A 8 -2.49 4.20 -2.40
CA ARG A 8 -1.87 2.92 -2.65
C ARG A 8 -2.79 1.82 -2.10
N MET A 9 -2.47 0.57 -2.44
CA MET A 9 -3.39 -0.53 -2.13
C MET A 9 -3.62 -0.71 -0.64
N ASP A 10 -2.73 -0.21 0.22
CA ASP A 10 -2.86 -0.43 1.65
C ASP A 10 -3.68 0.64 2.35
N GLY A 11 -4.20 1.63 1.63
CA GLY A 11 -4.98 2.70 2.22
C GLY A 11 -4.22 3.99 2.44
N SER A 12 -2.89 3.96 2.31
CA SER A 12 -2.09 5.16 2.43
C SER A 12 -2.26 6.04 1.20
N TYR A 13 -1.85 7.31 1.33
CA TYR A 13 -1.90 8.22 0.20
C TYR A 13 -0.81 9.28 0.33
N ARG A 14 -0.51 9.91 -0.80
CA ARG A 14 0.38 11.05 -0.85
C ARG A 14 -0.32 12.16 -1.62
N SER A 15 -0.45 13.34 -1.01
CA SER A 15 -1.05 14.47 -1.68
C SER A 15 -0.04 15.15 -2.60
N VAL A 16 -0.45 15.44 -3.83
CA VAL A 16 0.41 16.03 -4.84
C VAL A 16 -0.23 17.32 -5.34
N GLU A 17 0.59 18.36 -5.47
CA GLU A 17 0.12 19.61 -6.04
C GLU A 17 -0.26 19.41 -7.51
N LEU A 18 -1.39 20.00 -7.91
CA LEU A 18 -1.84 19.98 -9.30
C LEU A 18 -1.49 21.34 -9.93
N LYS A 19 -0.34 21.38 -10.61
CA LYS A 19 0.15 22.65 -11.15
C LYS A 19 -0.80 23.22 -12.20
N HIS A 20 -1.37 22.37 -13.04
CA HIS A 20 -2.25 22.80 -14.11
C HIS A 20 -3.71 22.45 -13.86
N GLY A 21 -4.10 22.36 -12.59
CA GLY A 21 -5.48 22.06 -12.26
C GLY A 21 -5.89 20.69 -12.79
N ASN A 22 -7.13 20.61 -13.28
CA ASN A 22 -7.61 19.34 -13.82
C ASN A 22 -7.00 19.02 -15.18
N ASN A 23 -6.23 19.95 -15.76
CA ASN A 23 -5.44 19.67 -16.96
C ASN A 23 -4.10 19.04 -16.64
N THR A 24 -3.79 18.81 -15.37
CA THR A 24 -2.53 18.17 -14.99
C THR A 24 -2.50 16.73 -15.49
N THR A 25 -1.36 16.33 -16.04
CA THR A 25 -1.22 15.02 -16.64
C THR A 25 -0.73 13.99 -15.61
N VAL A 26 -0.83 12.72 -16.00
CA VAL A 26 -0.24 11.65 -15.22
C VAL A 26 1.25 11.88 -15.04
N GLN A 27 1.95 12.18 -16.14
CA GLN A 27 3.39 12.43 -16.08
C GLN A 27 3.73 13.53 -15.08
N GLN A 28 2.94 14.61 -15.09
CA GLN A 28 3.19 15.69 -14.14
C GLN A 28 2.94 15.24 -12.71
N ILE A 29 1.86 14.50 -12.48
CA ILE A 29 1.59 13.95 -11.14
C ILE A 29 2.70 12.99 -10.73
N MET A 30 3.15 12.15 -11.66
CA MET A 30 4.24 11.22 -11.37
C MET A 30 5.48 11.97 -10.89
N GLU A 31 5.75 13.14 -11.47
CA GLU A 31 6.87 13.95 -11.01
C GLU A 31 6.64 14.49 -9.61
N GLY A 32 5.38 14.76 -9.25
CA GLY A 32 5.06 15.31 -7.95
C GLY A 32 5.16 14.33 -6.80
N MET A 33 5.46 13.07 -7.08
CA MET A 33 5.69 12.10 -6.02
C MET A 33 7.14 12.18 -5.54
N ARG A 34 7.46 11.39 -4.53
CA ARG A 34 8.81 11.31 -3.98
C ARG A 34 9.53 10.07 -4.53
N LEU A 35 9.59 9.97 -5.86
CA LEU A 35 10.15 8.80 -6.52
C LEU A 35 11.32 9.22 -7.39
N SER A 36 12.44 8.52 -7.25
CA SER A 36 13.57 8.71 -8.15
C SER A 36 13.23 8.17 -9.53
N GLN A 37 14.17 8.27 -10.47
CA GLN A 37 13.92 7.68 -11.78
C GLN A 37 13.88 6.17 -11.72
N GLU A 38 14.62 5.57 -10.80
CA GLU A 38 14.55 4.12 -10.62
C GLU A 38 13.18 3.70 -10.12
N THR A 39 12.72 4.29 -9.01
CA THR A 39 11.42 3.92 -8.46
C THR A 39 10.28 4.21 -9.43
N GLN A 40 10.41 5.29 -10.22
CA GLN A 40 9.28 5.78 -11.01
C GLN A 40 8.88 4.80 -12.11
N GLN A 41 9.85 4.35 -12.89
CA GLN A 41 9.60 3.59 -14.12
C GLN A 41 8.79 2.31 -13.92
N TYR A 42 8.64 1.84 -12.69
CA TYR A 42 7.93 0.59 -12.44
C TYR A 42 6.43 0.77 -12.28
N PHE A 43 5.96 1.99 -12.04
CA PHE A 43 4.59 2.24 -11.63
C PHE A 43 3.98 3.34 -12.48
N THR A 44 2.66 3.46 -12.40
CA THR A 44 1.95 4.57 -13.02
C THR A 44 0.66 4.84 -12.25
N ILE A 45 -0.08 5.85 -12.71
CA ILE A 45 -1.33 6.24 -12.08
C ILE A 45 -2.46 5.41 -12.68
N TRP A 46 -3.27 4.84 -11.80
CA TRP A 46 -4.52 4.17 -12.17
C TRP A 46 -5.68 4.97 -11.61
N ILE A 47 -6.84 4.84 -12.25
CA ILE A 47 -8.09 5.35 -11.71
C ILE A 47 -9.00 4.15 -11.43
N CYS A 48 -9.44 4.01 -10.19
CA CYS A 48 -10.19 2.83 -9.77
C CYS A 48 -11.36 3.23 -8.90
N SER A 49 -12.51 2.62 -9.17
CA SER A 49 -13.64 2.59 -8.27
C SER A 49 -13.80 1.16 -7.76
N GLU A 50 -14.99 0.83 -7.25
CA GLU A 50 -15.17 -0.47 -6.61
C GLU A 50 -14.99 -1.62 -7.60
N ASN A 51 -15.56 -1.49 -8.80
CA ASN A 51 -15.57 -2.62 -9.73
C ASN A 51 -15.07 -2.22 -11.12
N LEU A 52 -14.21 -1.21 -11.21
CA LEU A 52 -13.56 -0.88 -12.48
C LEU A 52 -12.23 -0.20 -12.17
N SER A 53 -11.15 -0.76 -12.70
CA SER A 53 -9.80 -0.22 -12.50
C SER A 53 -9.11 -0.11 -13.85
N LEU A 54 -8.65 1.10 -14.18
CA LEU A 54 -8.07 1.38 -15.48
C LEU A 54 -6.69 2.00 -15.31
N GLN A 55 -5.69 1.43 -15.98
CA GLN A 55 -4.38 2.03 -16.02
C GLN A 55 -4.40 3.23 -16.97
N LEU A 56 -3.93 4.37 -16.48
CA LEU A 56 -3.87 5.59 -17.27
C LEU A 56 -2.48 5.74 -17.89
N LYS A 57 -2.41 6.55 -18.93
CA LYS A 57 -1.23 6.82 -19.74
C LYS A 57 -0.58 8.13 -19.32
N PRO A 58 0.71 8.31 -19.63
CA PRO A 58 1.41 9.54 -19.19
C PRO A 58 0.74 10.83 -19.64
N TYR A 59 0.14 10.85 -20.83
CA TYR A 59 -0.51 12.05 -21.35
C TYR A 59 -1.94 12.23 -20.84
N HIS A 60 -2.52 11.21 -20.21
CA HIS A 60 -3.90 11.33 -19.73
C HIS A 60 -3.99 12.38 -18.63
N LYS A 61 -5.19 12.97 -18.51
CA LYS A 61 -5.50 13.90 -17.43
C LYS A 61 -6.40 13.21 -16.43
N PRO A 62 -5.87 12.73 -15.30
CA PRO A 62 -6.67 11.87 -14.42
C PRO A 62 -7.89 12.53 -13.82
N LEU A 63 -7.82 13.84 -13.54
CA LEU A 63 -8.97 14.49 -12.91
C LEU A 63 -10.13 14.61 -13.88
N GLN A 64 -9.85 14.72 -15.18
CA GLN A 64 -10.92 14.70 -16.16
C GLN A 64 -11.55 13.32 -16.30
N HIS A 65 -10.79 12.26 -16.01
CA HIS A 65 -11.38 10.93 -15.99
C HIS A 65 -12.29 10.76 -14.78
N VAL A 66 -11.88 11.29 -13.63
CA VAL A 66 -12.76 11.31 -12.46
C VAL A 66 -14.05 12.04 -12.77
N ARG A 67 -13.94 13.20 -13.42
CA ARG A 67 -15.12 13.97 -13.81
C ARG A 67 -16.01 13.16 -14.76
N ASP A 68 -15.42 12.49 -15.74
CA ASP A 68 -16.16 11.75 -16.75
C ASP A 68 -16.44 10.30 -16.34
N TRP A 69 -16.22 9.96 -15.08
CA TRP A 69 -16.34 8.56 -14.65
C TRP A 69 -17.72 7.96 -14.90
N PRO A 70 -18.84 8.63 -14.61
CA PRO A 70 -20.14 8.00 -14.90
C PRO A 70 -20.32 7.65 -16.36
N GLU A 71 -19.72 8.42 -17.27
CA GLU A 71 -19.78 8.10 -18.69
C GLU A 71 -18.85 6.95 -19.05
N ILE A 72 -17.69 6.86 -18.38
CA ILE A 72 -16.77 5.76 -18.61
C ILE A 72 -17.38 4.46 -18.11
N LEU A 73 -18.05 4.50 -16.96
CA LEU A 73 -18.73 3.31 -16.44
C LEU A 73 -19.81 2.83 -17.39
N ALA A 74 -20.61 3.77 -17.92
CA ALA A 74 -21.68 3.38 -18.84
C ALA A 74 -21.14 2.82 -20.14
N GLU A 75 -19.99 3.32 -20.59
CA GLU A 75 -19.42 2.83 -21.85
C GLU A 75 -18.81 1.45 -21.68
N LEU A 76 -18.09 1.22 -20.57
CA LEU A 76 -17.31 0.01 -20.40
C LEU A 76 -17.99 -1.05 -19.55
N THR A 77 -19.04 -0.70 -18.81
CA THR A 77 -19.68 -1.63 -17.90
C THR A 77 -21.19 -1.44 -17.95
N ASN A 78 -21.89 -2.33 -17.24
CA ASN A 78 -23.31 -2.17 -16.93
C ASN A 78 -23.51 -1.85 -15.45
N LEU A 79 -22.50 -1.27 -14.82
CA LEU A 79 -22.50 -1.03 -13.39
C LEU A 79 -23.42 0.13 -13.03
N ASP A 80 -23.64 0.30 -11.72
CA ASP A 80 -24.44 1.40 -11.21
C ASP A 80 -23.53 2.56 -10.85
N PRO A 81 -23.62 3.71 -11.52
CA PRO A 81 -22.65 4.78 -11.29
C PRO A 81 -22.79 5.49 -9.95
N GLN A 82 -23.86 5.24 -9.20
CA GLN A 82 -24.07 5.98 -7.96
C GLN A 82 -23.27 5.43 -6.79
N ARG A 83 -22.78 4.20 -6.88
CA ARG A 83 -21.96 3.60 -5.84
C ARG A 83 -20.48 3.56 -6.21
N GLU A 84 -20.10 4.17 -7.33
CA GLU A 84 -18.74 4.10 -7.86
C GLU A 84 -18.16 5.51 -7.95
N THR A 85 -17.64 6.00 -6.84
CA THR A 85 -16.81 7.19 -6.86
C THR A 85 -15.36 6.76 -7.03
N PRO A 86 -14.65 7.22 -8.05
CA PRO A 86 -13.29 6.76 -8.29
C PRO A 86 -12.28 7.49 -7.41
N GLN A 87 -11.10 6.89 -7.31
CA GLN A 87 -9.93 7.52 -6.69
C GLN A 87 -8.71 7.21 -7.56
N LEU A 88 -7.62 7.92 -7.31
CA LEU A 88 -6.38 7.74 -8.05
C LEU A 88 -5.38 6.93 -7.22
N PHE A 89 -4.73 5.97 -7.86
CA PHE A 89 -3.81 5.06 -7.20
C PHE A 89 -2.49 5.02 -7.96
N LEU A 90 -1.42 4.76 -7.21
CA LEU A 90 -0.12 4.43 -7.78
C LEU A 90 0.04 2.92 -7.73
N ARG A 91 0.14 2.28 -8.90
CA ARG A 91 0.19 0.82 -8.97
C ARG A 91 1.21 0.39 -10.02
N ARG A 92 1.57 -0.89 -9.94
CA ARG A 92 2.52 -1.48 -10.87
C ARG A 92 2.03 -1.32 -12.31
N ASP A 93 2.94 -0.88 -13.19
CA ASP A 93 2.66 -0.82 -14.62
C ASP A 93 2.37 -2.22 -15.16
N VAL A 94 1.20 -2.39 -15.78
CA VAL A 94 0.84 -3.71 -16.29
C VAL A 94 1.81 -4.18 -17.37
N ARG A 95 2.48 -3.26 -18.05
CA ARG A 95 3.44 -3.61 -19.10
C ARG A 95 4.83 -3.93 -18.58
N LEU A 96 5.03 -3.88 -17.26
CA LEU A 96 6.35 -4.14 -16.69
C LEU A 96 6.79 -5.58 -16.95
N PRO A 97 7.85 -5.81 -17.72
CA PRO A 97 8.27 -7.19 -17.98
C PRO A 97 8.77 -7.84 -16.71
N LEU A 98 8.50 -9.14 -16.58
CA LEU A 98 8.93 -9.86 -15.39
C LEU A 98 10.44 -9.85 -15.24
N GLU A 99 11.17 -9.90 -16.36
CA GLU A 99 12.63 -9.87 -16.30
CA GLU A 99 12.63 -9.87 -16.30
C GLU A 99 13.14 -8.55 -15.71
N VAL A 100 12.43 -7.46 -15.97
CA VAL A 100 12.85 -6.17 -15.41
C VAL A 100 12.58 -6.13 -13.92
N GLU A 101 11.39 -6.59 -13.50
CA GLU A 101 11.03 -6.58 -12.09
C GLU A 101 11.94 -7.48 -11.28
N LYS A 102 12.42 -8.58 -11.87
CA LYS A 102 13.22 -9.56 -11.13
C LYS A 102 14.59 -9.03 -10.72
N GLN A 103 15.03 -7.89 -11.26
CA GLN A 103 16.32 -7.33 -10.90
C GLN A 103 16.21 -6.03 -10.11
N ILE A 104 15.00 -5.69 -9.65
CA ILE A 104 14.82 -4.48 -8.85
C ILE A 104 15.47 -4.69 -7.50
N GLU A 105 16.20 -3.67 -7.03
CA GLU A 105 16.81 -3.70 -5.70
C GLU A 105 16.42 -2.49 -4.85
N ASP A 106 15.67 -1.55 -5.40
CA ASP A 106 15.30 -0.35 -4.65
C ASP A 106 14.31 -0.73 -3.54
N PRO A 107 14.58 -0.36 -2.29
CA PRO A 107 13.66 -0.73 -1.20
C PRO A 107 12.27 -0.16 -1.36
N LEU A 108 12.14 1.08 -1.86
CA LEU A 108 10.81 1.67 -1.98
C LEU A 108 9.99 0.97 -3.06
N ALA A 109 10.59 0.73 -4.23
CA ALA A 109 9.88 0.01 -5.28
C ALA A 109 9.47 -1.38 -4.82
N ILE A 110 10.33 -2.03 -4.03
CA ILE A 110 10.03 -3.38 -3.56
C ILE A 110 8.81 -3.37 -2.64
N LEU A 111 8.76 -2.43 -1.68
CA LEU A 111 7.62 -2.41 -0.77
C LEU A 111 6.33 -2.01 -1.48
N ILE A 112 6.42 -1.11 -2.46
CA ILE A 112 5.23 -0.74 -3.22
C ILE A 112 4.70 -1.94 -4.00
N LEU A 113 5.61 -2.69 -4.65
CA LEU A 113 5.21 -3.93 -5.32
C LEU A 113 4.73 -4.95 -4.31
N PHE A 114 5.40 -5.04 -3.16
CA PHE A 114 5.02 -6.03 -2.14
C PHE A 114 3.59 -5.80 -1.66
N ASP A 115 3.26 -4.53 -1.35
CA ASP A 115 1.94 -4.23 -0.82
CA ASP A 115 1.94 -4.24 -0.81
C ASP A 115 0.84 -4.53 -1.82
N GLU A 116 1.07 -4.20 -3.10
CA GLU A 116 0.08 -4.53 -4.12
C GLU A 116 -0.06 -6.04 -4.27
N ALA A 117 1.08 -6.76 -4.31
CA ALA A 117 1.02 -8.22 -4.39
C ALA A 117 0.28 -8.80 -3.20
N ARG A 118 0.52 -8.25 -2.01
CA ARG A 118 -0.18 -8.73 -0.82
CA ARG A 118 -0.18 -8.73 -0.82
C ARG A 118 -1.68 -8.47 -0.93
N TYR A 119 -2.06 -7.32 -1.47
CA TYR A 119 -3.47 -7.01 -1.66
C TYR A 119 -4.13 -8.02 -2.58
N ASN A 120 -3.47 -8.36 -3.70
CA ASN A 120 -4.06 -9.31 -4.63
C ASN A 120 -4.19 -10.70 -4.00
N LEU A 121 -3.20 -11.09 -3.19
CA LEU A 121 -3.24 -12.40 -2.55
C LEU A 121 -4.42 -12.49 -1.58
N LEU A 122 -4.57 -11.49 -0.71
CA LEU A 122 -5.63 -11.54 0.30
C LEU A 122 -7.01 -11.47 -0.34
N LYS A 123 -7.14 -10.76 -1.46
CA LYS A 123 -8.43 -10.65 -2.14
C LYS A 123 -8.81 -11.93 -2.89
N GLY A 124 -7.88 -12.86 -3.07
CA GLY A 124 -8.17 -14.11 -3.74
C GLY A 124 -7.83 -14.16 -5.21
N PHE A 125 -7.16 -13.13 -5.76
CA PHE A 125 -6.83 -13.07 -7.17
C PHE A 125 -5.57 -13.86 -7.52
N TYR A 126 -4.91 -14.49 -6.54
CA TYR A 126 -3.77 -15.33 -6.80
C TYR A 126 -4.19 -16.78 -6.59
N THR A 127 -4.19 -17.56 -7.67
CA THR A 127 -4.46 -18.98 -7.59
C THR A 127 -3.13 -19.74 -7.55
N ALA A 128 -2.97 -20.58 -6.54
CA ALA A 128 -1.72 -21.28 -6.32
C ALA A 128 -1.98 -22.48 -5.43
N PRO A 129 -1.13 -23.51 -5.48
CA PRO A 129 -1.32 -24.66 -4.60
C PRO A 129 -1.15 -24.28 -3.14
N ASP A 130 -1.65 -25.17 -2.27
CA ASP A 130 -1.61 -24.90 -0.84
C ASP A 130 -0.19 -24.67 -0.34
N ALA A 131 0.79 -25.37 -0.92
CA ALA A 131 2.17 -25.17 -0.50
C ALA A 131 2.63 -23.74 -0.75
N LYS A 132 2.28 -23.18 -1.91
CA LYS A 132 2.67 -21.81 -2.21
C LYS A 132 1.94 -20.82 -1.30
N LEU A 133 0.67 -21.06 -1.02
CA LEU A 133 -0.08 -20.15 -0.15
C LEU A 133 0.46 -20.17 1.27
N ILE A 134 0.78 -21.36 1.79
CA ILE A 134 1.30 -21.48 3.15
C ILE A 134 2.64 -20.77 3.26
N THR A 135 3.48 -20.89 2.22
CA THR A 135 4.78 -20.23 2.22
C THR A 135 4.63 -18.72 2.22
N LEU A 136 3.67 -18.21 1.44
CA LEU A 136 3.40 -16.78 1.43
C LEU A 136 2.88 -16.31 2.79
N ALA A 137 1.97 -17.08 3.40
CA ALA A 137 1.45 -16.71 4.71
C ALA A 137 2.55 -16.65 5.76
N SER A 138 3.50 -17.59 5.69
CA SER A 138 4.59 -17.60 6.67
C SER A 138 5.49 -16.38 6.51
N LEU A 139 5.75 -15.97 5.26
CA LEU A 139 6.54 -14.78 5.02
C LEU A 139 5.83 -13.53 5.51
N LEU A 140 4.50 -13.48 5.42
CA LEU A 140 3.76 -12.34 5.93
C LEU A 140 3.87 -12.26 7.46
N LEU A 141 3.85 -13.41 8.14
CA LEU A 141 3.99 -13.41 9.59
C LEU A 141 5.35 -12.85 10.00
N GLN A 142 6.41 -13.23 9.29
CA GLN A 142 7.72 -12.67 9.57
C GLN A 142 7.75 -11.17 9.30
N ILE A 143 7.17 -10.75 8.17
CA ILE A 143 7.22 -9.33 7.81
C ILE A 143 6.40 -8.49 8.77
N VAL A 144 5.22 -8.96 9.16
CA VAL A 144 4.29 -8.15 9.94
C VAL A 144 4.49 -8.34 11.45
N TYR A 145 4.65 -9.59 11.90
CA TYR A 145 4.73 -9.88 13.32
C TYR A 145 6.15 -10.07 13.82
N GLY A 146 7.14 -10.05 12.94
CA GLY A 146 8.52 -10.20 13.37
C GLY A 146 8.91 -11.64 13.60
N ASN A 147 9.93 -11.82 14.44
CA ASN A 147 10.49 -13.14 14.69
C ASN A 147 9.48 -14.04 15.41
N TYR A 148 9.55 -15.33 15.11
CA TYR A 148 8.69 -16.31 15.74
C TYR A 148 9.08 -16.52 17.20
N GLU A 149 8.08 -16.61 18.06
CA GLU A 149 8.29 -16.85 19.48
C GLU A 149 7.30 -17.91 19.95
N SER A 150 7.82 -19.02 20.48
CA SER A 150 6.96 -20.11 20.93
C SER A 150 5.96 -19.61 21.97
N LYS A 151 6.39 -18.68 22.84
CA LYS A 151 5.50 -18.15 23.87
C LYS A 151 4.28 -17.45 23.26
N LYS A 152 4.46 -16.78 22.12
CA LYS A 152 3.39 -15.96 21.55
C LYS A 152 2.62 -16.64 20.42
N HIS A 153 3.26 -17.53 19.66
CA HIS A 153 2.66 -18.01 18.41
C HIS A 153 2.39 -19.51 18.37
N LYS A 154 2.86 -20.27 19.35
CA LYS A 154 2.71 -21.73 19.27
C LYS A 154 1.24 -22.14 19.38
N GLN A 155 0.49 -21.51 20.27
CA GLN A 155 -0.89 -21.89 20.49
C GLN A 155 -1.72 -20.66 20.79
N GLY A 156 -2.98 -20.69 20.36
CA GLY A 156 -3.89 -19.58 20.61
C GLY A 156 -3.48 -18.28 19.95
N PHE A 157 -2.83 -18.36 18.79
CA PHE A 157 -2.40 -17.16 18.06
C PHE A 157 -3.06 -17.05 16.70
N LEU A 158 -2.98 -18.09 15.88
CA LEU A 158 -3.47 -18.04 14.51
C LEU A 158 -4.97 -18.33 14.48
N ASN A 159 -5.73 -17.41 15.08
CA ASN A 159 -7.18 -17.44 14.94
C ASN A 159 -7.55 -16.87 13.58
N GLU A 160 -8.85 -16.85 13.26
CA GLU A 160 -9.24 -16.36 11.95
C GLU A 160 -8.99 -14.85 11.83
N GLU A 161 -9.00 -14.13 12.94
CA GLU A 161 -8.64 -12.71 12.90
C GLU A 161 -7.23 -12.53 12.37
N ASN A 162 -6.27 -13.31 12.89
CA ASN A 162 -4.90 -13.23 12.40
C ASN A 162 -4.75 -13.92 11.05
N LEU A 163 -5.62 -14.89 10.74
CA LEU A 163 -5.55 -15.57 9.46
C LEU A 163 -5.95 -14.65 8.31
N LYS A 164 -6.94 -13.77 8.54
CA LYS A 164 -7.35 -12.81 7.51
C LYS A 164 -6.16 -12.08 6.90
N SER A 165 -5.16 -11.75 7.71
CA SER A 165 -4.04 -10.95 7.27
C SER A 165 -3.03 -11.72 6.43
N ILE A 166 -3.10 -13.05 6.38
CA ILE A 166 -2.01 -13.81 5.78
C ILE A 166 -2.48 -14.84 4.75
N VAL A 167 -3.78 -15.08 4.65
CA VAL A 167 -4.30 -16.05 3.68
C VAL A 167 -5.38 -15.39 2.83
N PRO A 168 -5.62 -15.93 1.64
CA PRO A 168 -6.71 -15.38 0.79
C PRO A 168 -8.06 -15.53 1.46
N VAL A 169 -8.94 -14.55 1.21
CA VAL A 169 -10.27 -14.56 1.81
C VAL A 169 -11.07 -15.76 1.34
N THR A 170 -10.78 -16.24 0.12
CA THR A 170 -11.47 -17.40 -0.44
C THR A 170 -11.07 -18.70 0.23
N LYS A 171 -9.99 -18.71 1.00
CA LYS A 171 -9.52 -19.90 1.70
C LYS A 171 -9.65 -19.78 3.22
N LEU A 172 -10.10 -18.62 3.72
CA LEU A 172 -10.19 -18.41 5.16
C LEU A 172 -11.07 -19.47 5.82
N LYS A 173 -12.27 -19.70 5.26
CA LYS A 173 -13.22 -20.61 5.89
C LYS A 173 -12.77 -22.05 5.77
N SER A 174 -12.69 -22.56 4.54
CA SER A 174 -12.70 -24.01 4.33
C SER A 174 -11.34 -24.66 4.56
N LYS A 175 -10.27 -24.04 4.09
CA LYS A 175 -8.98 -24.72 3.99
C LYS A 175 -7.90 -24.16 4.91
N ALA A 176 -7.86 -22.85 5.11
CA ALA A 176 -6.79 -22.27 5.93
C ALA A 176 -6.70 -22.80 7.35
N PRO A 177 -7.80 -23.01 8.09
CA PRO A 177 -7.65 -23.49 9.48
C PRO A 177 -6.88 -24.80 9.60
N HIS A 178 -6.85 -25.62 8.55
CA HIS A 178 -6.04 -26.82 8.56
C HIS A 178 -4.57 -26.54 8.24
N TRP A 179 -4.23 -25.32 7.86
CA TRP A 179 -2.87 -24.97 7.49
C TRP A 179 -2.07 -24.39 8.65
N THR A 180 -2.71 -24.07 9.77
CA THR A 180 -2.05 -23.30 10.82
C THR A 180 -0.79 -23.98 11.33
N ASN A 181 -0.77 -25.31 11.38
CA ASN A 181 0.41 -26.01 11.85
C ASN A 181 1.56 -25.90 10.86
N ARG A 182 1.28 -26.07 9.57
CA ARG A 182 2.33 -25.94 8.56
C ARG A 182 2.79 -24.49 8.43
N ILE A 183 1.90 -23.53 8.62
CA ILE A 183 2.28 -22.12 8.54
C ILE A 183 3.23 -21.77 9.66
N LEU A 184 2.88 -22.12 10.91
CA LEU A 184 3.73 -21.79 12.05
C LEU A 184 5.09 -22.48 11.95
N HIS A 185 5.15 -23.67 11.37
CA HIS A 185 6.43 -24.36 11.23
C HIS A 185 7.36 -23.61 10.28
N GLU A 186 6.86 -23.23 9.10
CA GLU A 186 7.68 -22.46 8.17
C GLU A 186 8.01 -21.09 8.74
N TYR A 187 7.07 -20.49 9.49
CA TYR A 187 7.36 -19.24 10.17
C TYR A 187 8.52 -19.42 11.15
N LYS A 188 8.46 -20.47 11.98
CA LYS A 188 9.57 -20.76 12.88
C LYS A 188 10.85 -21.03 12.11
N ASN A 189 10.75 -21.72 10.96
CA ASN A 189 11.93 -21.98 10.16
C ASN A 189 12.56 -20.68 9.64
N LEU A 190 11.72 -19.72 9.24
CA LEU A 190 12.24 -18.44 8.74
C LEU A 190 13.01 -17.70 9.82
N SER A 191 12.44 -17.61 11.03
CA SER A 191 13.07 -16.81 12.08
C SER A 191 14.38 -17.42 12.55
N THR A 192 14.42 -18.75 12.69
CA THR A 192 15.61 -19.41 13.22
C THR A 192 16.69 -19.61 12.16
N SER A 193 16.33 -19.66 10.88
CA SER A 193 17.32 -19.84 9.83
C SER A 193 18.10 -18.54 9.66
N GLU A 194 19.29 -18.48 10.26
CA GLU A 194 20.12 -17.29 10.17
C GLU A 194 20.66 -17.05 8.76
N GLY A 195 20.46 -17.98 7.83
CA GLY A 195 20.78 -17.75 6.44
C GLY A 195 19.74 -16.97 5.67
N VAL A 196 18.58 -16.73 6.27
CA VAL A 196 17.51 -15.95 5.66
C VAL A 196 17.63 -14.52 6.21
N SER A 197 17.92 -13.58 5.32
CA SER A 197 18.08 -12.18 5.72
C SER A 197 16.78 -11.62 6.27
N LYS A 198 16.86 -10.92 7.40
CA LYS A 198 15.70 -10.33 8.03
C LYS A 198 15.49 -8.87 7.65
N GLU A 199 16.32 -8.34 6.74
CA GLU A 199 16.08 -7.00 6.22
C GLU A 199 14.67 -6.93 5.62
N MET A 200 13.97 -5.84 5.93
CA MET A 200 12.58 -5.72 5.53
C MET A 200 12.43 -5.84 4.01
N HIS A 201 13.25 -5.11 3.26
CA HIS A 201 13.14 -5.18 1.80
C HIS A 201 13.60 -6.53 1.26
N HIS A 202 14.48 -7.23 1.99
CA HIS A 202 14.87 -8.58 1.59
C HIS A 202 13.71 -9.56 1.79
N LEU A 203 13.01 -9.45 2.92
CA LEU A 203 11.86 -10.32 3.17
C LEU A 203 10.74 -10.03 2.18
N GLN A 204 10.49 -8.76 1.88
CA GLN A 204 9.47 -8.40 0.90
C GLN A 204 9.81 -8.92 -0.49
N ARG A 205 11.10 -8.96 -0.84
CA ARG A 205 11.49 -9.52 -2.13
C ARG A 205 11.26 -11.03 -2.18
N MET A 206 11.50 -11.72 -1.06
CA MET A 206 11.19 -13.14 -0.98
C MET A 206 9.71 -13.41 -1.23
N PHE A 207 8.84 -12.59 -0.63
CA PHE A 207 7.40 -12.71 -0.88
C PHE A 207 7.10 -12.56 -2.37
N LEU A 208 7.70 -11.55 -3.01
CA LEU A 208 7.46 -11.32 -4.43
C LEU A 208 7.96 -12.47 -5.28
N GLN A 209 9.12 -13.04 -4.92
CA GLN A 209 9.68 -14.15 -5.67
C GLN A 209 8.71 -15.32 -5.74
N ASN A 210 7.99 -15.57 -4.65
CA ASN A 210 6.97 -16.62 -4.65
C ASN A 210 5.72 -16.21 -5.43
N CYS A 211 5.51 -14.91 -5.64
CA CYS A 211 4.37 -14.46 -6.43
C CYS A 211 4.65 -14.46 -7.93
N TRP A 212 5.91 -14.37 -8.34
CA TRP A 212 6.23 -14.20 -9.75
C TRP A 212 5.83 -15.43 -10.58
N GLU A 213 5.80 -16.61 -9.97
CA GLU A 213 5.43 -17.83 -10.67
C GLU A 213 3.92 -18.09 -10.65
N ILE A 214 3.16 -17.25 -9.98
CA ILE A 214 1.69 -17.38 -9.99
C ILE A 214 1.18 -16.91 -11.36
N PRO A 215 0.27 -17.64 -12.00
CA PRO A 215 -0.09 -17.28 -13.39
C PRO A 215 -0.70 -15.89 -13.53
N THR A 216 -1.47 -15.42 -12.55
CA THR A 216 -2.14 -14.14 -12.66
C THR A 216 -1.32 -12.98 -12.10
N TYR A 217 -0.01 -13.17 -11.86
CA TYR A 217 0.77 -12.11 -11.24
C TYR A 217 0.84 -10.89 -12.14
N GLY A 218 0.60 -9.72 -11.54
CA GLY A 218 0.67 -8.46 -12.28
C GLY A 218 -0.46 -8.23 -13.24
N ALA A 219 -1.53 -9.01 -13.15
CA ALA A 219 -2.59 -8.96 -14.15
C ALA A 219 -3.51 -7.77 -13.91
N ALA A 220 -3.88 -7.10 -14.99
CA ALA A 220 -5.01 -6.18 -14.97
C ALA A 220 -6.29 -6.98 -15.17
N PHE A 221 -7.28 -6.74 -14.31
CA PHE A 221 -8.50 -7.54 -14.29
C PHE A 221 -9.65 -6.75 -14.87
N PHE A 222 -10.42 -7.40 -15.72
CA PHE A 222 -11.63 -6.85 -16.31
C PHE A 222 -12.79 -7.79 -15.98
N THR A 223 -14.01 -7.31 -16.24
CA THR A 223 -15.21 -8.06 -15.92
C THR A 223 -15.93 -8.45 -17.20
N GLY A 224 -16.53 -9.63 -17.20
CA GLY A 224 -17.27 -10.10 -18.34
C GLY A 224 -18.16 -11.27 -17.99
N GLN A 225 -18.70 -11.92 -19.03
CA GLN A 225 -19.60 -13.04 -18.88
C GLN A 225 -19.34 -14.06 -19.97
N ILE A 226 -19.48 -15.34 -19.63
CA ILE A 226 -19.46 -16.42 -20.60
C ILE A 226 -20.71 -17.28 -20.40
N PHE A 227 -21.12 -17.95 -21.47
CA PHE A 227 -22.27 -18.84 -21.47
C PHE A 227 -21.80 -20.27 -21.64
N THR A 228 -22.42 -21.20 -20.90
CA THR A 228 -21.93 -22.56 -20.80
C THR A 228 -22.72 -23.51 -21.69
N LYS A 229 -22.01 -24.48 -22.26
CA LYS A 229 -22.63 -25.49 -23.12
C LYS A 229 -23.35 -26.56 -22.30
N ASN A 234 -29.78 -26.01 -21.67
CA ASN A 234 -29.89 -24.67 -21.11
C ASN A 234 -28.52 -24.00 -20.99
N HIS A 235 -28.37 -22.86 -21.67
CA HIS A 235 -27.15 -22.06 -21.54
C HIS A 235 -27.21 -21.26 -20.25
N LYS A 236 -26.15 -21.33 -19.45
CA LYS A 236 -26.09 -20.64 -18.17
C LYS A 236 -25.02 -19.57 -18.21
N VAL A 237 -25.29 -18.46 -17.53
CA VAL A 237 -24.38 -17.31 -17.50
C VAL A 237 -23.40 -17.49 -16.35
N ILE A 238 -22.12 -17.28 -16.63
CA ILE A 238 -21.06 -17.36 -15.64
C ILE A 238 -20.29 -16.05 -15.67
N PRO A 239 -20.50 -15.17 -14.69
CA PRO A 239 -19.67 -13.96 -14.60
C PRO A 239 -18.22 -14.32 -14.33
N VAL A 240 -17.32 -13.60 -14.99
CA VAL A 240 -15.90 -13.95 -14.93
C VAL A 240 -15.07 -12.68 -14.78
N TYR A 241 -13.93 -12.83 -14.11
CA TYR A 241 -12.83 -11.87 -14.20
C TYR A 241 -11.92 -12.29 -15.34
N VAL A 242 -11.51 -11.31 -16.15
CA VAL A 242 -10.58 -11.54 -17.24
C VAL A 242 -9.26 -10.89 -16.87
N GLY A 243 -8.24 -11.70 -16.61
CA GLY A 243 -6.93 -11.19 -16.21
C GLY A 243 -5.95 -11.25 -17.37
N VAL A 244 -5.33 -10.11 -17.65
CA VAL A 244 -4.36 -9.96 -18.73
C VAL A 244 -3.05 -9.48 -18.12
N ASN A 245 -1.99 -10.28 -18.26
CA ASN A 245 -0.69 -9.87 -17.73
C ASN A 245 0.36 -10.18 -18.79
N ILE A 246 1.64 -10.00 -18.40
CA ILE A 246 2.75 -10.21 -19.31
C ILE A 246 2.96 -11.68 -19.67
N LYS A 247 2.22 -12.59 -19.04
CA LYS A 247 2.30 -14.01 -19.35
C LYS A 247 1.22 -14.48 -20.31
N GLY A 248 0.02 -13.89 -20.25
CA GLY A 248 -1.06 -14.30 -21.11
C GLY A 248 -2.43 -13.93 -20.58
N LEU A 249 -3.41 -14.80 -20.82
CA LEU A 249 -4.80 -14.56 -20.48
C LEU A 249 -5.24 -15.57 -19.44
N HIS A 250 -6.06 -15.12 -18.48
CA HIS A 250 -6.53 -15.97 -17.40
C HIS A 250 -7.99 -15.64 -17.08
N LEU A 251 -8.77 -16.68 -16.86
CA LEU A 251 -10.20 -16.54 -16.60
C LEU A 251 -10.49 -16.99 -15.18
N LEU A 252 -11.07 -16.11 -14.37
CA LEU A 252 -11.44 -16.41 -13.00
C LEU A 252 -12.96 -16.38 -12.87
N ASN A 253 -13.52 -17.40 -12.23
CA ASN A 253 -14.91 -17.32 -11.80
C ASN A 253 -15.07 -16.12 -10.88
N MET A 254 -16.00 -15.21 -11.23
CA MET A 254 -16.14 -13.98 -10.46
C MET A 254 -16.56 -14.24 -9.03
N GLU A 255 -17.28 -15.35 -8.80
CA GLU A 255 -17.84 -15.59 -7.47
C GLU A 255 -16.82 -16.28 -6.55
N THR A 256 -16.15 -17.32 -7.05
CA THR A 256 -15.24 -18.11 -6.24
C THR A 256 -13.77 -17.76 -6.46
N LYS A 257 -13.45 -16.93 -7.45
CA LYS A 257 -12.09 -16.63 -7.88
C LYS A 257 -11.34 -17.85 -8.39
N ALA A 258 -12.04 -18.96 -8.63
CA ALA A 258 -11.39 -20.15 -9.16
C ALA A 258 -10.86 -19.89 -10.57
N LEU A 259 -9.68 -20.44 -10.85
CA LEU A 259 -9.02 -20.25 -12.14
C LEU A 259 -9.65 -21.18 -13.17
N LEU A 260 -10.51 -20.61 -14.02
CA LEU A 260 -11.18 -21.40 -15.05
C LEU A 260 -10.20 -21.86 -16.12
N ILE A 261 -9.37 -20.94 -16.63
CA ILE A 261 -8.39 -21.30 -17.65
C ILE A 261 -7.28 -20.26 -17.62
N SER A 262 -6.06 -20.71 -17.91
CA SER A 262 -4.90 -19.84 -18.01
C SER A 262 -4.13 -20.20 -19.27
N LEU A 263 -3.85 -19.20 -20.11
CA LEU A 263 -3.25 -19.41 -21.43
C LEU A 263 -2.04 -18.52 -21.60
N LYS A 264 -0.90 -19.12 -21.94
CA LYS A 264 0.31 -18.36 -22.18
C LYS A 264 0.31 -17.79 -23.60
N TYR A 265 0.95 -16.63 -23.76
CA TYR A 265 1.09 -16.04 -25.08
C TYR A 265 1.80 -16.99 -26.02
N GLY A 266 1.28 -17.11 -27.24
CA GLY A 266 1.77 -18.06 -28.21
C GLY A 266 0.98 -19.35 -28.27
N CYS A 267 0.18 -19.65 -27.25
CA CYS A 267 -0.64 -20.85 -27.19
C CYS A 267 -2.12 -20.56 -27.42
N PHE A 268 -2.46 -19.36 -27.86
CA PHE A 268 -3.86 -19.02 -28.12
C PHE A 268 -3.92 -17.79 -29.01
N MET A 269 -5.09 -17.59 -29.62
CA MET A 269 -5.36 -16.44 -30.46
C MET A 269 -6.66 -15.79 -29.99
N TRP A 270 -6.82 -14.52 -30.36
CA TRP A 270 -7.98 -13.74 -29.97
C TRP A 270 -8.56 -13.07 -31.20
N GLN A 271 -9.85 -12.75 -31.14
CA GLN A 271 -10.52 -11.99 -32.19
C GLN A 271 -11.56 -11.09 -31.55
N LEU A 272 -11.47 -9.80 -31.83
CA LEU A 272 -12.47 -8.86 -31.33
C LEU A 272 -13.75 -8.99 -32.13
N GLY A 273 -14.88 -9.08 -31.43
CA GLY A 273 -16.16 -9.12 -32.12
C GLY A 273 -16.44 -7.84 -32.88
N ASP A 274 -17.18 -7.97 -33.98
CA ASP A 274 -17.55 -6.80 -34.76
C ASP A 274 -18.38 -5.83 -33.94
N THR A 275 -19.16 -6.34 -32.98
CA THR A 275 -20.00 -5.50 -32.13
C THR A 275 -19.21 -4.80 -31.03
N ASP A 276 -17.97 -5.23 -30.80
CA ASP A 276 -17.02 -4.63 -29.84
C ASP A 276 -17.39 -5.01 -28.41
N THR A 277 -18.54 -5.65 -28.21
CA THR A 277 -18.95 -6.01 -26.86
C THR A 277 -18.60 -7.45 -26.49
N CYS A 278 -17.66 -8.07 -27.22
CA CYS A 278 -17.25 -9.43 -26.91
C CYS A 278 -15.93 -9.72 -27.62
N PHE A 279 -15.27 -10.79 -27.19
CA PHE A 279 -14.10 -11.28 -27.90
C PHE A 279 -14.02 -12.79 -27.78
N GLN A 280 -13.43 -13.42 -28.79
CA GLN A 280 -13.30 -14.87 -28.87
C GLN A 280 -11.85 -15.28 -28.66
N ILE A 281 -11.66 -16.41 -27.98
CA ILE A 281 -10.34 -16.97 -27.72
C ILE A 281 -10.29 -18.37 -28.30
N HIS A 282 -9.25 -18.66 -29.07
CA HIS A 282 -9.03 -19.97 -29.66
C HIS A 282 -7.79 -20.58 -29.02
N SER A 283 -7.98 -21.62 -28.20
CA SER A 283 -6.88 -22.31 -27.57
C SER A 283 -6.22 -23.21 -28.62
N MET A 284 -5.06 -22.79 -29.11
CA MET A 284 -4.27 -23.65 -29.97
C MET A 284 -3.96 -24.96 -29.24
N GLU A 285 -3.86 -26.03 -30.02
CA GLU A 285 -3.54 -27.35 -29.48
C GLU A 285 -4.53 -27.75 -28.38
N ASN A 286 -5.81 -27.59 -28.70
CA ASN A 286 -6.87 -27.87 -27.73
C ASN A 286 -8.22 -27.97 -28.44
N LYS A 287 -8.32 -27.38 -29.63
CA LYS A 287 -9.55 -27.35 -30.43
C LYS A 287 -10.66 -26.61 -29.71
N MET A 288 -10.37 -26.05 -28.54
CA MET A 288 -11.37 -25.39 -27.72
C MET A 288 -11.39 -23.89 -27.99
N SER A 289 -12.59 -23.33 -28.04
CA SER A 289 -12.78 -21.90 -28.19
C SER A 289 -13.83 -21.44 -27.18
N PHE A 290 -13.76 -20.16 -26.82
CA PHE A 290 -14.81 -19.57 -26.00
C PHE A 290 -14.90 -18.09 -26.31
N ILE A 291 -16.06 -17.53 -26.01
CA ILE A 291 -16.36 -16.13 -26.24
C ILE A 291 -16.67 -15.48 -24.90
N VAL A 292 -16.05 -14.34 -24.63
CA VAL A 292 -16.29 -13.57 -23.43
C VAL A 292 -17.08 -12.33 -23.82
N HIS A 293 -18.22 -12.12 -23.18
CA HIS A 293 -19.04 -10.94 -23.42
C HIS A 293 -18.67 -9.87 -22.39
N THR A 294 -18.21 -8.72 -22.87
CA THR A 294 -17.88 -7.61 -22.00
C THR A 294 -17.74 -6.35 -22.84
N LYS A 295 -18.20 -5.22 -22.29
CA LYS A 295 -18.01 -3.93 -22.94
C LYS A 295 -16.58 -3.41 -22.80
N GLN A 296 -15.70 -4.14 -22.11
CA GLN A 296 -14.28 -3.85 -22.07
C GLN A 296 -13.50 -4.67 -23.08
N ALA A 297 -14.19 -5.31 -24.04
CA ALA A 297 -13.51 -6.21 -24.97
C ALA A 297 -12.47 -5.47 -25.81
N GLY A 298 -12.77 -4.23 -26.19
CA GLY A 298 -11.79 -3.46 -26.94
C GLY A 298 -10.50 -3.23 -26.18
N LEU A 299 -10.62 -2.95 -24.88
CA LEU A 299 -9.43 -2.74 -24.07
C LEU A 299 -8.66 -4.04 -23.88
N VAL A 300 -9.36 -5.14 -23.59
CA VAL A 300 -8.71 -6.43 -23.37
C VAL A 300 -7.90 -6.84 -24.58
N VAL A 301 -8.48 -6.75 -25.78
CA VAL A 301 -7.79 -7.20 -26.98
C VAL A 301 -6.60 -6.30 -27.27
N LYS A 302 -6.76 -4.99 -27.14
CA LYS A 302 -5.64 -4.08 -27.36
C LYS A 302 -4.50 -4.37 -26.39
N LEU A 303 -4.83 -4.58 -25.11
CA LEU A 303 -3.78 -4.93 -24.15
C LEU A 303 -3.15 -6.27 -24.47
N LEU A 304 -3.95 -7.25 -24.86
CA LEU A 304 -3.41 -8.54 -25.25
C LEU A 304 -2.41 -8.38 -26.39
N MET A 305 -2.72 -7.52 -27.37
CA MET A 305 -1.81 -7.31 -28.49
C MET A 305 -0.52 -6.65 -28.03
N LYS A 306 -0.61 -5.64 -27.17
CA LYS A 306 0.58 -4.92 -26.74
C LYS A 306 1.50 -5.79 -25.89
N LEU A 307 0.93 -6.59 -24.99
CA LEU A 307 1.74 -7.45 -24.13
C LEU A 307 2.29 -8.64 -24.90
N ASN A 308 1.51 -9.21 -25.82
CA ASN A 308 2.05 -10.23 -26.69
C ASN A 308 3.18 -9.67 -27.54
N GLY A 309 3.01 -8.44 -28.04
CA GLY A 309 4.02 -7.82 -28.89
C GLY A 309 5.30 -7.46 -28.17
N GLN A 310 5.24 -7.32 -26.84
CA GLN A 310 6.44 -7.00 -26.07
C GLN A 310 7.39 -8.18 -26.00
N LEU A 311 6.86 -9.39 -26.11
CA LEU A 311 7.64 -10.59 -25.86
C LEU A 311 8.64 -10.85 -27.00
N MET A 312 9.71 -11.56 -26.66
CA MET A 312 10.73 -11.93 -27.64
C MET A 312 10.92 -13.45 -27.67
N MET B 1 -8.77 -5.80 15.54
CA MET B 1 -7.62 -4.91 15.68
C MET B 1 -8.03 -3.46 15.87
N ARG B 2 -7.54 -2.83 16.93
CA ARG B 2 -7.87 -1.44 17.21
C ARG B 2 -7.05 -0.50 16.33
N GLU B 3 -7.70 0.57 15.87
CA GLU B 3 -7.06 1.55 15.01
C GLU B 3 -6.73 2.81 15.80
N TYR B 4 -5.55 3.35 15.56
CA TYR B 4 -5.05 4.53 16.26
C TYR B 4 -4.74 5.62 15.25
N LYS B 5 -5.32 6.80 15.46
CA LYS B 5 -5.11 7.95 14.58
C LYS B 5 -4.05 8.85 15.18
N LEU B 6 -2.85 8.82 14.61
CA LEU B 6 -1.71 9.59 15.09
C LEU B 6 -1.38 10.71 14.11
N VAL B 7 -0.96 11.85 14.64
CA VAL B 7 -0.68 13.05 13.84
C VAL B 7 0.71 13.55 14.20
N VAL B 8 1.56 13.71 13.19
CA VAL B 8 2.90 14.27 13.37
C VAL B 8 2.85 15.74 12.99
N LEU B 9 3.10 16.61 13.97
CA LEU B 9 3.02 18.05 13.79
C LEU B 9 4.40 18.67 14.00
N GLY B 10 4.53 19.92 13.56
CA GLY B 10 5.77 20.64 13.72
C GLY B 10 6.03 21.55 12.54
N SER B 11 7.00 22.45 12.73
CA SER B 11 7.36 23.41 11.70
C SER B 11 8.12 22.71 10.57
N GLY B 12 8.31 23.44 9.47
CA GLY B 12 8.91 22.86 8.29
C GLY B 12 10.37 22.51 8.49
N GLY B 13 10.76 21.36 7.94
CA GLY B 13 12.14 20.93 7.93
C GLY B 13 12.62 20.19 9.16
N VAL B 14 11.76 19.97 10.16
CA VAL B 14 12.22 19.34 11.38
C VAL B 14 12.49 17.86 11.18
N GLY B 15 11.84 17.24 10.20
CA GLY B 15 12.03 15.82 9.96
C GLY B 15 10.81 14.99 10.31
N LYS B 16 9.63 15.59 10.18
CA LYS B 16 8.40 14.84 10.39
C LYS B 16 8.28 13.69 9.40
N SER B 17 8.50 13.98 8.11
CA SER B 17 8.39 12.94 7.10
C SER B 17 9.47 11.88 7.28
N ALA B 18 10.72 12.30 7.50
CA ALA B 18 11.80 11.34 7.67
C ALA B 18 11.52 10.38 8.83
N LEU B 19 11.03 10.92 9.95
CA LEU B 19 10.70 10.06 11.10
C LEU B 19 9.55 9.11 10.75
N THR B 20 8.54 9.60 10.03
CA THR B 20 7.41 8.74 9.70
C THR B 20 7.81 7.67 8.70
N VAL B 21 8.54 8.03 7.66
CA VAL B 21 8.95 7.08 6.64
C VAL B 21 9.92 6.06 7.21
N GLN B 22 10.82 6.50 8.10
CA GLN B 22 11.74 5.55 8.73
C GLN B 22 10.98 4.52 9.56
N PHE B 23 9.96 4.96 10.29
CA PHE B 23 9.19 4.06 11.14
C PHE B 23 8.35 3.09 10.31
N VAL B 24 7.67 3.59 9.28
CA VAL B 24 6.76 2.76 8.49
C VAL B 24 7.55 1.90 7.50
N GLN B 25 8.44 2.52 6.74
CA GLN B 25 9.06 1.87 5.58
C GLN B 25 10.53 1.49 5.77
N GLY B 26 11.17 1.92 6.86
CA GLY B 26 12.56 1.57 7.08
C GLY B 26 13.55 2.24 6.15
N ILE B 27 13.21 3.44 5.66
CA ILE B 27 14.05 4.18 4.73
C ILE B 27 14.27 5.59 5.28
N PHE B 28 15.47 6.13 5.07
CA PHE B 28 15.77 7.51 5.43
C PHE B 28 15.59 8.39 4.21
N VAL B 29 14.58 9.27 4.26
CA VAL B 29 14.33 10.22 3.18
C VAL B 29 15.37 11.33 3.26
N GLU B 30 16.17 11.47 2.21
CA GLU B 30 17.29 12.41 2.17
C GLU B 30 16.91 13.74 1.54
N LYS B 31 16.27 13.72 0.37
CA LYS B 31 15.95 14.95 -0.33
C LYS B 31 14.76 15.64 0.32
N TYR B 32 14.86 16.95 0.48
CA TYR B 32 13.85 17.73 1.19
C TYR B 32 12.71 18.06 0.23
N ASP B 33 11.58 17.38 0.41
CA ASP B 33 10.37 17.61 -0.40
CA ASP B 33 10.37 17.61 -0.40
C ASP B 33 9.25 18.09 0.51
N PRO B 34 8.91 19.38 0.50
CA PRO B 34 7.85 19.88 1.37
C PRO B 34 6.55 19.10 1.24
N THR B 35 6.03 18.66 2.39
CA THR B 35 4.88 17.78 2.43
C THR B 35 3.59 18.58 2.34
N ILE B 36 2.66 18.12 1.50
CA ILE B 36 1.32 18.72 1.46
C ILE B 36 0.47 18.04 2.53
N GLU B 37 0.31 16.71 2.41
CA GLU B 37 -0.41 15.91 3.39
C GLU B 37 -0.27 14.43 3.05
N ASP B 38 0.44 13.67 3.88
CA ASP B 38 0.67 12.24 3.63
C ASP B 38 0.13 11.41 4.78
N SER B 39 -0.52 10.30 4.44
CA SER B 39 -1.05 9.38 5.44
C SER B 39 -0.47 8.00 5.23
N TYR B 40 -0.09 7.36 6.33
CA TYR B 40 0.55 6.04 6.32
C TYR B 40 -0.22 5.09 7.21
N ARG B 41 -0.12 3.80 6.90
CA ARG B 41 -0.71 2.75 7.74
C ARG B 41 0.37 1.73 8.09
N LYS B 42 0.28 1.19 9.30
CA LYS B 42 1.30 0.25 9.77
C LYS B 42 0.75 -0.53 10.95
N GLN B 43 0.89 -1.85 10.90
CA GLN B 43 0.51 -2.71 12.01
C GLN B 43 1.72 -2.96 12.88
N VAL B 44 1.57 -2.70 14.18
CA VAL B 44 2.62 -2.90 15.15
C VAL B 44 2.05 -3.72 16.30
N GLU B 45 2.93 -4.14 17.20
CA GLU B 45 2.53 -4.78 18.45
C GLU B 45 2.96 -3.89 19.60
N VAL B 46 1.99 -3.39 20.35
CA VAL B 46 2.22 -2.59 21.55
C VAL B 46 1.56 -3.29 22.73
N ASP B 47 2.35 -3.69 23.71
CA ASP B 47 1.87 -4.37 24.91
C ASP B 47 1.04 -5.60 24.54
N ALA B 48 1.68 -6.49 23.78
CA ALA B 48 1.12 -7.81 23.45
C ALA B 48 -0.20 -7.71 22.68
N GLN B 49 -0.42 -6.62 21.96
CA GLN B 49 -1.62 -6.46 21.14
C GLN B 49 -1.25 -5.89 19.78
N GLN B 50 -1.97 -6.34 18.75
CA GLN B 50 -1.78 -5.82 17.40
C GLN B 50 -2.58 -4.54 17.24
N CYS B 51 -1.90 -3.47 16.82
CA CYS B 51 -2.50 -2.15 16.65
C CYS B 51 -2.29 -1.67 15.22
N MET B 52 -3.38 -1.29 14.55
CA MET B 52 -3.30 -0.66 13.25
C MET B 52 -3.10 0.84 13.45
N LEU B 53 -1.96 1.35 12.98
CA LEU B 53 -1.63 2.76 13.12
C LEU B 53 -1.92 3.48 11.81
N GLU B 54 -2.71 4.55 11.88
CA GLU B 54 -2.86 5.50 10.79
C GLU B 54 -2.12 6.76 11.19
N ILE B 55 -1.02 7.06 10.50
CA ILE B 55 -0.15 8.17 10.83
C ILE B 55 -0.34 9.25 9.79
N LEU B 56 -0.69 10.45 10.24
CA LEU B 56 -0.87 11.60 9.37
C LEU B 56 0.38 12.47 9.40
N ASP B 57 0.99 12.66 8.24
CA ASP B 57 2.21 13.44 8.08
C ASP B 57 1.82 14.79 7.50
N THR B 58 2.00 15.86 8.27
CA THR B 58 1.38 17.13 7.97
C THR B 58 2.38 18.12 7.40
N ALA B 59 1.82 19.17 6.78
CA ALA B 59 2.62 20.30 6.32
C ALA B 59 2.99 21.19 7.50
N GLY B 60 4.23 21.69 7.48
CA GLY B 60 4.70 22.53 8.56
C GLY B 60 4.57 24.02 8.36
N THR B 61 4.06 24.47 7.21
CA THR B 61 4.13 25.87 6.84
C THR B 61 2.79 26.52 6.56
N GLU B 62 1.67 25.82 6.72
CA GLU B 62 0.37 26.42 6.48
C GLU B 62 -0.72 25.60 7.16
N GLN B 63 -1.81 26.28 7.49
CA GLN B 63 -2.95 25.62 8.14
C GLN B 63 -4.25 25.99 7.43
N MET B 67 -6.39 23.65 7.67
CA MET B 67 -6.87 22.29 7.87
C MET B 67 -6.26 21.70 9.14
N ARG B 68 -5.56 22.55 9.89
CA ARG B 68 -4.92 22.08 11.12
C ARG B 68 -5.94 21.72 12.19
N ASP B 69 -7.06 22.46 12.24
CA ASP B 69 -8.06 22.18 13.27
C ASP B 69 -8.71 20.81 13.07
N LEU B 70 -8.87 20.38 11.82
CA LEU B 70 -9.43 19.06 11.57
C LEU B 70 -8.48 17.97 12.03
N TYR B 71 -7.17 18.18 11.89
CA TYR B 71 -6.19 17.19 12.33
C TYR B 71 -6.32 16.92 13.83
N MET B 72 -6.41 17.99 14.62
CA MET B 72 -6.48 17.81 16.07
C MET B 72 -7.86 17.35 16.52
N LYS B 73 -8.91 17.75 15.81
CA LYS B 73 -10.25 17.23 16.12
C LYS B 73 -10.29 15.72 15.93
N ASN B 74 -9.64 15.21 14.89
CA ASN B 74 -9.70 13.80 14.55
C ASN B 74 -8.57 12.98 15.19
N GLY B 75 -7.40 13.57 15.40
CA GLY B 75 -6.27 12.81 15.90
C GLY B 75 -6.48 12.35 17.33
N GLN B 76 -5.94 11.17 17.63
CA GLN B 76 -5.94 10.63 18.99
C GLN B 76 -4.64 10.93 19.73
N GLY B 77 -3.51 10.87 19.05
CA GLY B 77 -2.23 11.20 19.65
C GLY B 77 -1.42 12.10 18.73
N PHE B 78 -0.53 12.87 19.34
CA PHE B 78 0.17 13.92 18.60
C PHE B 78 1.65 13.89 18.95
N ALA B 79 2.48 13.68 17.93
CA ALA B 79 3.92 13.84 18.06
C ALA B 79 4.28 15.26 17.63
N LEU B 80 4.83 16.04 18.56
CA LEU B 80 5.21 17.43 18.32
C LEU B 80 6.72 17.47 18.14
N VAL B 81 7.17 17.67 16.91
CA VAL B 81 8.56 17.50 16.53
C VAL B 81 9.21 18.86 16.31
N TYR B 82 10.43 19.00 16.80
CA TYR B 82 11.29 20.12 16.45
C TYR B 82 12.66 19.57 16.08
N SER B 83 13.51 20.44 15.57
CA SER B 83 14.90 20.12 15.28
C SER B 83 15.79 20.82 16.29
N ILE B 84 16.69 20.07 16.92
CA ILE B 84 17.69 20.67 17.80
C ILE B 84 18.63 21.58 17.05
N THR B 85 18.53 21.59 15.72
CA THR B 85 19.35 22.46 14.87
C THR B 85 18.75 23.86 14.74
N ALA B 86 17.44 23.99 14.84
CA ALA B 86 16.73 25.25 14.57
C ALA B 86 15.94 25.67 15.79
N GLN B 87 16.27 26.84 16.33
CA GLN B 87 15.60 27.35 17.53
C GLN B 87 14.15 27.74 17.24
N SER B 88 13.87 28.25 16.03
CA SER B 88 12.52 28.69 15.72
C SER B 88 11.52 27.53 15.79
N THR B 89 11.92 26.35 15.32
CA THR B 89 11.02 25.19 15.35
C THR B 89 10.69 24.77 16.77
N PHE B 90 11.63 24.97 17.69
CA PHE B 90 11.34 24.75 19.10
C PHE B 90 10.37 25.80 19.64
N ASN B 91 10.57 27.06 19.26
CA ASN B 91 9.70 28.14 19.73
C ASN B 91 8.27 27.99 19.23
N ASP B 92 8.09 27.38 18.05
CA ASP B 92 6.77 27.27 17.45
C ASP B 92 5.89 26.23 18.13
N LEU B 93 6.48 25.23 18.79
CA LEU B 93 5.70 24.13 19.33
C LEU B 93 4.80 24.57 20.47
N GLN B 94 5.08 25.70 21.10
CA GLN B 94 4.22 26.18 22.18
C GLN B 94 2.82 26.48 21.67
N ASP B 95 2.73 27.21 20.56
CA ASP B 95 1.43 27.49 19.94
C ASP B 95 0.68 26.21 19.60
N LEU B 96 1.40 25.21 19.08
CA LEU B 96 0.77 23.95 18.71
C LEU B 96 0.16 23.26 19.93
N ARG B 97 0.96 23.11 21.00
CA ARG B 97 0.48 22.41 22.19
C ARG B 97 -0.80 23.06 22.73
N GLU B 98 -0.89 24.39 22.67
CA GLU B 98 -2.06 25.07 23.18
C GLU B 98 -3.24 24.97 22.21
N GLN B 99 -2.98 24.95 20.91
CA GLN B 99 -4.06 24.79 19.95
C GLN B 99 -4.72 23.43 20.10
N ILE B 100 -3.92 22.38 20.31
CA ILE B 100 -4.48 21.03 20.48
C ILE B 100 -5.37 20.96 21.72
N LEU B 101 -4.89 21.51 22.83
CA LEU B 101 -5.67 21.48 24.07
C LEU B 101 -6.97 22.26 23.92
N ARG B 102 -6.97 23.30 23.08
CA ARG B 102 -8.17 24.08 22.83
C ARG B 102 -9.20 23.27 22.04
N VAL B 103 -8.77 22.66 20.92
CA VAL B 103 -9.69 21.89 20.08
C VAL B 103 -10.22 20.67 20.83
N LYS B 104 -9.35 20.01 21.59
CA LYS B 104 -9.79 18.85 22.36
C LYS B 104 -10.55 19.24 23.62
N ASP B 105 -10.46 20.49 24.05
CA ASP B 105 -11.18 20.98 25.23
C ASP B 105 -10.78 20.22 26.49
N THR B 106 -9.50 19.83 26.56
CA THR B 106 -8.97 19.09 27.70
C THR B 106 -7.45 19.09 27.61
N ASP B 107 -6.80 18.95 28.77
CA ASP B 107 -5.36 18.76 28.82
C ASP B 107 -4.95 17.29 28.76
N ASP B 108 -5.91 16.38 28.91
CA ASP B 108 -5.65 14.94 28.84
C ASP B 108 -5.67 14.52 27.37
N VAL B 109 -4.57 14.80 26.68
CA VAL B 109 -4.41 14.49 25.27
C VAL B 109 -3.11 13.72 25.09
N PRO B 110 -3.13 12.51 24.54
CA PRO B 110 -1.88 11.79 24.27
C PRO B 110 -0.96 12.61 23.37
N MET B 111 0.28 12.78 23.82
CA MET B 111 1.17 13.71 23.16
C MET B 111 2.60 13.40 23.58
N ILE B 112 3.55 13.76 22.72
CA ILE B 112 4.97 13.52 23.00
C ILE B 112 5.78 14.62 22.33
N LEU B 113 6.78 15.12 23.06
CA LEU B 113 7.69 16.13 22.55
C LEU B 113 8.93 15.45 21.97
N VAL B 114 9.26 15.76 20.73
CA VAL B 114 10.30 15.06 20.00
C VAL B 114 11.36 16.05 19.52
N GLY B 115 12.58 15.89 20.01
CA GLY B 115 13.69 16.67 19.50
C GLY B 115 14.46 15.88 18.47
N ASN B 116 14.28 16.20 17.19
CA ASN B 116 14.83 15.41 16.11
C ASN B 116 16.21 15.92 15.68
N LYS B 117 16.86 15.12 14.83
CA LYS B 117 18.22 15.39 14.33
C LYS B 117 19.25 15.33 15.45
N CYS B 118 19.04 14.43 16.41
CA CYS B 118 20.01 14.24 17.48
C CYS B 118 21.29 13.57 17.01
N ASP B 119 21.38 13.24 15.71
CA ASP B 119 22.64 12.82 15.12
C ASP B 119 23.51 14.02 14.74
N LEU B 120 22.91 15.20 14.59
CA LEU B 120 23.66 16.42 14.28
C LEU B 120 23.98 17.15 15.59
N GLU B 121 24.87 16.54 16.38
CA GLU B 121 25.25 17.14 17.64
C GLU B 121 26.09 18.39 17.44
N ASP B 122 27.06 18.35 16.52
CA ASP B 122 27.93 19.49 16.25
C ASP B 122 27.19 20.58 15.47
N GLU B 123 25.86 20.52 15.45
CA GLU B 123 25.02 21.58 14.90
C GLU B 123 23.89 21.96 15.84
N ARG B 124 23.90 21.43 17.07
CA ARG B 124 22.82 21.65 18.02
C ARG B 124 22.72 23.12 18.40
N VAL B 125 21.48 23.58 18.62
CA VAL B 125 21.22 24.94 19.07
C VAL B 125 20.31 24.85 20.29
N VAL B 126 19.44 23.84 20.31
CA VAL B 126 18.52 23.61 21.42
C VAL B 126 19.08 22.51 22.29
N GLY B 127 19.39 22.83 23.56
CA GLY B 127 19.93 21.84 24.46
C GLY B 127 18.90 20.81 24.89
N LYS B 128 19.41 19.65 25.32
CA LYS B 128 18.53 18.58 25.79
C LYS B 128 17.73 19.02 27.01
N GLU B 129 18.40 19.65 27.98
CA GLU B 129 17.73 20.09 29.20
C GLU B 129 16.58 21.04 28.88
N GLN B 130 16.74 21.88 27.86
CA GLN B 130 15.67 22.80 27.49
C GLN B 130 14.47 22.05 26.92
N GLY B 131 14.71 20.90 26.27
CA GLY B 131 13.61 20.07 25.82
C GLY B 131 12.90 19.38 26.98
N GLN B 132 13.67 18.80 27.90
CA GLN B 132 13.09 18.21 29.09
C GLN B 132 12.37 19.26 29.94
N ASN B 133 12.95 20.46 30.01
CA ASN B 133 12.30 21.56 30.73
C ASN B 133 10.91 21.85 30.15
N LEU B 134 10.81 21.94 28.83
CA LEU B 134 9.54 22.25 28.20
C LEU B 134 8.53 21.13 28.43
N ALA B 135 8.95 19.88 28.29
CA ALA B 135 8.05 18.76 28.51
C ALA B 135 7.48 18.79 29.92
N ARG B 136 8.32 19.08 30.92
CA ARG B 136 7.83 19.21 32.29
C ARG B 136 6.81 20.34 32.41
N GLN B 137 7.08 21.48 31.77
CA GLN B 137 6.10 22.56 31.71
C GLN B 137 4.77 22.07 31.18
N TRP B 138 4.81 21.15 30.21
CA TRP B 138 3.60 20.64 29.58
C TRP B 138 2.96 19.52 30.40
N ASN B 139 2.79 19.74 31.71
CA ASN B 139 2.14 18.78 32.59
C ASN B 139 2.86 17.43 32.57
N ASN B 140 4.19 17.47 32.57
CA ASN B 140 5.03 16.28 32.52
C ASN B 140 4.77 15.46 31.26
N CYS B 141 4.68 16.14 30.13
CA CYS B 141 4.50 15.48 28.85
C CYS B 141 5.69 14.58 28.53
N ALA B 142 5.42 13.52 27.77
CA ALA B 142 6.49 12.61 27.34
C ALA B 142 7.47 13.34 26.44
N PHE B 143 8.73 12.91 26.48
CA PHE B 143 9.79 13.59 25.76
C PHE B 143 10.82 12.59 25.25
N LEU B 144 11.32 12.83 24.03
CA LEU B 144 12.32 11.98 23.41
C LEU B 144 13.20 12.80 22.50
N GLU B 145 14.48 12.45 22.45
CA GLU B 145 15.38 12.91 21.40
C GLU B 145 15.57 11.79 20.41
N SER B 146 15.51 12.11 19.12
CA SER B 146 15.46 11.08 18.09
C SER B 146 16.26 11.51 16.87
N SER B 147 16.59 10.51 16.05
CA SER B 147 17.23 10.73 14.77
C SER B 147 16.60 9.81 13.74
N ALA B 148 16.20 10.37 12.60
CA ALA B 148 15.60 9.56 11.55
C ALA B 148 16.64 8.71 10.84
N LYS B 149 17.90 9.17 10.76
CA LYS B 149 18.94 8.38 10.12
C LYS B 149 19.39 7.23 11.01
N SER B 150 19.94 7.57 12.18
CA SER B 150 20.54 6.60 13.07
C SER B 150 19.54 5.65 13.71
N LYS B 151 18.24 5.84 13.45
CA LYS B 151 17.19 4.97 13.99
C LYS B 151 17.23 4.97 15.51
N ILE B 152 17.25 6.16 16.09
CA ILE B 152 17.25 6.35 17.54
C ILE B 152 15.88 6.87 17.95
N ASN B 153 15.20 6.11 18.81
CA ASN B 153 13.92 6.51 19.39
C ASN B 153 12.88 6.82 18.32
N VAL B 154 12.91 6.06 17.23
CA VAL B 154 11.94 6.26 16.16
C VAL B 154 10.64 5.54 16.47
N ASN B 155 10.72 4.22 16.68
CA ASN B 155 9.52 3.44 17.01
C ASN B 155 8.93 3.87 18.34
N GLU B 156 9.78 4.30 19.28
CA GLU B 156 9.30 4.64 20.61
CA GLU B 156 9.30 4.63 20.61
C GLU B 156 8.36 5.83 20.60
N ILE B 157 8.50 6.73 19.61
CA ILE B 157 7.58 7.85 19.49
C ILE B 157 6.16 7.35 19.31
N PHE B 158 5.95 6.48 18.32
CA PHE B 158 4.60 6.01 18.03
C PHE B 158 4.12 4.98 19.03
N TYR B 159 5.02 4.14 19.55
CA TYR B 159 4.65 3.20 20.60
C TYR B 159 4.12 3.94 21.84
N ASP B 160 4.81 5.01 22.24
CA ASP B 160 4.42 5.72 23.46
C ASP B 160 3.06 6.39 23.29
N LEU B 161 2.77 6.91 22.10
CA LEU B 161 1.46 7.52 21.87
C LEU B 161 0.35 6.48 21.98
N VAL B 162 0.60 5.28 21.47
CA VAL B 162 -0.38 4.20 21.56
C VAL B 162 -0.67 3.88 23.02
N ARG B 163 0.37 3.80 23.85
CA ARG B 163 0.16 3.52 25.27
C ARG B 163 -0.63 4.63 25.94
N GLN B 164 -0.30 5.89 25.62
CA GLN B 164 -1.04 7.02 26.18
C GLN B 164 -2.50 7.00 25.76
N ILE B 165 -2.79 6.55 24.54
CA ILE B 165 -4.18 6.45 24.11
C ILE B 165 -4.89 5.34 24.88
N ASN B 166 -4.18 4.25 25.17
CA ASN B 166 -4.80 3.12 25.85
C ASN B 166 -5.08 3.41 27.31
N ARG B 167 -4.34 4.32 27.93
CA ARG B 167 -4.45 4.57 29.37
C ARG B 167 -5.69 5.39 29.75
#